data_1U9C
#
_entry.id   1U9C
#
_cell.length_a   66.183
_cell.length_b   66.183
_cell.length_c   53.905
_cell.angle_alpha   90.00
_cell.angle_beta   90.00
_cell.angle_gamma   90.00
#
_symmetry.space_group_name_H-M   'P 43'
#
loop_
_entity.id
_entity.type
_entity.pdbx_description
1 polymer APC35852
2 water water
#
_entity_poly.entity_id   1
_entity_poly.type   'polypeptide(L)'
_entity_poly.pdbx_seq_one_letter_code
;SNAMSKRVLMVVTNHTTITDDHKTGLWLEEFAVPYLVFQEKGYDVKVASIQGGEVPLDPRSINEKDPSWAEAEAALKHTA
RLSKDDAHGFDAIFLPGGHGTMFDFPDNETLQYVLQQFAEDGRIIAAV(CSD)HGPSGLVNATYKDGTPIVKGKTVTSFT
DEEEREVGLDVHMPFLLESTLRLRGANFVRGGKWTDFSVRDGNLITGQNPQSSRSTAEKVVAALEERE
;
_entity_poly.pdbx_strand_id   A
#
# COMPACT_ATOMS: atom_id res chain seq x y z
N MET A 4 18.81 13.81 11.28
CA MET A 4 19.07 12.46 10.72
C MET A 4 17.86 12.08 9.90
N SER A 5 18.07 11.19 8.95
CA SER A 5 17.15 10.96 7.86
C SER A 5 15.79 10.46 8.28
N LYS A 6 14.81 10.83 7.50
CA LYS A 6 13.47 10.28 7.66
C LYS A 6 13.50 8.78 7.40
N ARG A 7 12.55 8.11 8.01
CA ARG A 7 12.45 6.66 7.99
C ARG A 7 11.09 6.28 7.47
N VAL A 8 11.07 5.36 6.53
CA VAL A 8 9.86 4.87 5.85
C VAL A 8 9.72 3.37 6.09
N LEU A 9 8.54 2.96 6.53
CA LEU A 9 8.20 1.55 6.67
C LEU A 9 7.39 1.13 5.43
N MET A 10 7.85 0.13 4.70
CA MET A 10 7.06 -0.41 3.57
C MET A 10 6.53 -1.78 3.91
N VAL A 11 5.25 -2.04 3.68
CA VAL A 11 4.67 -3.33 4.06
C VAL A 11 3.99 -3.92 2.84
N VAL A 12 4.37 -5.16 2.50
CA VAL A 12 3.83 -5.86 1.36
C VAL A 12 3.18 -7.21 1.77
N THR A 13 2.33 -7.67 0.83
CA THR A 13 1.62 -8.96 0.97
C THR A 13 2.55 -10.15 0.80
N ASN A 14 2.11 -11.28 1.35
CA ASN A 14 2.69 -12.57 1.09
C ASN A 14 1.66 -13.56 0.51
N HIS A 15 0.51 -13.08 0.09
CA HIS A 15 -0.57 -13.95 -0.30
C HIS A 15 -0.57 -14.30 -1.75
N THR A 16 -0.75 -15.56 -2.06
CA THR A 16 -0.82 -15.95 -3.47
C THR A 16 -2.14 -16.58 -3.91
N THR A 17 -2.93 -17.17 -3.02
CA THR A 17 -4.07 -18.05 -3.44
C THR A 17 -5.39 -17.33 -3.69
N ILE A 18 -5.95 -17.53 -4.86
CA ILE A 18 -7.36 -17.12 -5.08
C ILE A 18 -8.14 -18.36 -5.47
N THR A 19 -7.81 -18.94 -6.63
CA THR A 19 -8.36 -20.21 -7.11
C THR A 19 -7.18 -21.00 -7.69
N ASP A 20 -7.42 -22.24 -8.14
CA ASP A 20 -6.35 -23.05 -8.75
C ASP A 20 -5.80 -22.42 -10.04
N ASP A 21 -6.67 -21.77 -10.80
CA ASP A 21 -6.31 -21.09 -12.06
C ASP A 21 -5.93 -19.59 -11.91
N HIS A 22 -5.82 -19.09 -10.69
CA HIS A 22 -5.58 -17.65 -10.52
C HIS A 22 -4.74 -17.44 -9.28
N LYS A 23 -3.46 -17.06 -9.48
CA LYS A 23 -2.52 -16.72 -8.38
C LYS A 23 -2.17 -15.27 -8.40
N THR A 24 -1.76 -14.80 -7.24
CA THR A 24 -1.36 -13.42 -7.11
C THR A 24 -0.14 -13.28 -6.22
N GLY A 25 0.02 -12.05 -5.74
CA GLY A 25 1.14 -11.63 -4.85
C GLY A 25 1.24 -10.12 -4.87
N LEU A 26 2.44 -9.63 -4.58
CA LEU A 26 2.76 -8.20 -4.66
C LEU A 26 2.86 -7.77 -6.10
N TRP A 27 2.29 -6.61 -6.42
CA TRP A 27 2.50 -6.02 -7.73
C TRP A 27 3.85 -5.30 -7.71
N LEU A 28 4.83 -5.89 -8.36
CA LEU A 28 6.23 -5.49 -8.20
C LEU A 28 6.47 -3.98 -8.30
N GLU A 29 5.96 -3.33 -9.33
CA GLU A 29 6.28 -1.94 -9.54
C GLU A 29 5.85 -1.09 -8.37
N GLU A 30 4.76 -1.44 -7.75
CA GLU A 30 4.20 -0.66 -6.65
C GLU A 30 5.07 -0.61 -5.42
N PHE A 31 5.94 -1.60 -5.28
CA PHE A 31 7.03 -1.60 -4.30
C PHE A 31 8.29 -0.96 -4.89
N ALA A 32 8.69 -1.42 -6.06
CA ALA A 32 10.03 -1.08 -6.56
C ALA A 32 10.16 0.41 -6.88
N VAL A 33 9.18 1.03 -7.53
CA VAL A 33 9.33 2.42 -7.90
C VAL A 33 9.37 3.32 -6.63
N PRO A 34 8.44 3.16 -5.69
CA PRO A 34 8.55 3.90 -4.44
C PRO A 34 9.84 3.63 -3.67
N TYR A 35 10.24 2.37 -3.58
CA TYR A 35 11.48 2.03 -2.87
C TYR A 35 12.65 2.83 -3.47
N LEU A 36 12.76 2.86 -4.77
CA LEU A 36 13.87 3.56 -5.42
C LEU A 36 13.75 5.08 -5.14
N VAL A 37 12.56 5.68 -5.24
CA VAL A 37 12.35 7.09 -4.91
C VAL A 37 12.84 7.39 -3.50
N PHE A 38 12.42 6.56 -2.54
CA PHE A 38 12.82 6.80 -1.14
C PHE A 38 14.32 6.61 -0.92
N GLN A 39 14.89 5.57 -1.51
CA GLN A 39 16.35 5.39 -1.43
C GLN A 39 17.08 6.59 -2.03
N GLU A 40 16.62 7.14 -3.18
CA GLU A 40 17.27 8.33 -3.86
C GLU A 40 17.25 9.53 -2.95
N LYS A 41 16.24 9.68 -2.15
CA LYS A 41 16.15 10.80 -1.25
C LYS A 41 16.99 10.61 0.00
N GLY A 42 17.57 9.43 0.17
CA GLY A 42 18.38 9.15 1.34
C GLY A 42 17.65 8.71 2.57
N TYR A 43 16.39 8.29 2.39
CA TYR A 43 15.64 7.81 3.50
C TYR A 43 16.09 6.44 3.98
N ASP A 44 15.84 6.16 5.23
CA ASP A 44 16.08 4.83 5.86
C ASP A 44 14.80 4.02 5.66
N VAL A 45 14.81 3.04 4.78
CA VAL A 45 13.61 2.27 4.45
C VAL A 45 13.67 0.87 5.07
N LYS A 46 12.66 0.53 5.84
CA LYS A 46 12.50 -0.82 6.38
C LYS A 46 11.50 -1.55 5.51
N VAL A 47 11.90 -2.67 4.97
CA VAL A 47 11.07 -3.51 4.12
C VAL A 47 10.47 -4.67 4.86
N ALA A 48 9.19 -4.63 5.11
CA ALA A 48 8.46 -5.64 5.83
C ALA A 48 7.39 -6.30 4.97
N SER A 49 7.02 -7.48 5.40
CA SER A 49 5.83 -8.15 4.86
C SER A 49 5.05 -8.74 6.01
N ILE A 50 3.84 -9.19 5.73
CA ILE A 50 3.04 -9.80 6.77
C ILE A 50 3.79 -10.99 7.39
N GLN A 51 4.40 -11.84 6.58
CA GLN A 51 5.09 -13.04 7.06
C GLN A 51 6.57 -12.97 7.24
N GLY A 52 7.20 -11.98 6.64
CA GLY A 52 8.63 -11.95 6.50
C GLY A 52 9.07 -12.88 5.40
N GLY A 53 10.36 -12.87 5.11
CA GLY A 53 10.88 -13.76 4.10
C GLY A 53 10.69 -13.33 2.67
N GLU A 54 10.68 -14.29 1.77
CA GLU A 54 10.64 -14.02 0.35
C GLU A 54 9.24 -13.74 -0.16
N VAL A 55 8.97 -12.56 -0.67
CA VAL A 55 7.66 -12.11 -1.05
C VAL A 55 7.30 -12.64 -2.42
N PRO A 56 6.13 -13.20 -2.61
CA PRO A 56 5.70 -13.67 -3.93
C PRO A 56 5.22 -12.50 -4.76
N LEU A 57 5.52 -12.54 -6.06
CA LEU A 57 5.12 -11.48 -6.93
C LEU A 57 3.93 -11.94 -7.79
N ASP A 58 3.01 -11.05 -8.02
CA ASP A 58 1.90 -11.33 -8.93
C ASP A 58 2.52 -11.62 -10.27
N PRO A 59 2.20 -12.73 -10.93
CA PRO A 59 2.83 -13.06 -12.18
C PRO A 59 2.59 -12.07 -13.28
N ARG A 60 1.51 -11.32 -13.24
CA ARG A 60 1.28 -10.32 -14.29
C ARG A 60 2.18 -9.09 -14.12
N SER A 61 2.93 -9.03 -13.02
CA SER A 61 3.70 -7.84 -12.67
C SER A 61 5.22 -7.99 -12.83
N ILE A 62 5.69 -9.13 -13.29
CA ILE A 62 7.11 -9.43 -13.35
C ILE A 62 7.71 -9.43 -14.74
N ASN A 63 6.96 -8.99 -15.75
CA ASN A 63 7.40 -9.15 -17.13
C ASN A 63 8.21 -8.02 -17.73
N GLU A 64 8.17 -6.88 -17.06
CA GLU A 64 8.86 -5.67 -17.56
C GLU A 64 9.69 -4.96 -16.52
N LYS A 65 10.53 -5.75 -15.89
CA LYS A 65 11.37 -5.21 -14.81
C LYS A 65 12.36 -4.17 -15.35
N ASP A 66 12.41 -3.01 -14.69
CA ASP A 66 13.33 -1.92 -15.00
C ASP A 66 14.70 -2.35 -14.43
N PRO A 67 15.77 -2.10 -15.17
CA PRO A 67 17.09 -2.33 -14.61
C PRO A 67 17.39 -1.63 -13.31
N SER A 68 16.73 -0.52 -13.07
CA SER A 68 16.91 0.22 -11.84
C SER A 68 16.38 -0.52 -10.63
N TRP A 69 15.50 -1.51 -10.78
CA TRP A 69 14.86 -2.23 -9.68
C TRP A 69 15.66 -3.35 -9.01
N ALA A 70 16.91 -3.52 -9.41
CA ALA A 70 17.71 -4.64 -8.94
C ALA A 70 17.73 -4.70 -7.39
N GLU A 71 18.02 -3.59 -6.73
CA GLU A 71 18.11 -3.61 -5.29
C GLU A 71 16.73 -3.83 -4.63
N ALA A 72 15.68 -3.26 -5.18
CA ALA A 72 14.32 -3.52 -4.69
C ALA A 72 13.95 -4.96 -4.77
N GLU A 73 14.24 -5.59 -5.89
CA GLU A 73 13.92 -6.97 -6.06
C GLU A 73 14.60 -7.83 -5.07
N ALA A 74 15.87 -7.54 -4.81
CA ALA A 74 16.61 -8.27 -3.82
C ALA A 74 16.12 -8.08 -2.43
N ALA A 75 15.72 -6.87 -2.06
CA ALA A 75 15.15 -6.64 -0.75
C ALA A 75 13.94 -7.51 -0.47
N LEU A 76 13.15 -7.75 -1.49
CA LEU A 76 11.94 -8.54 -1.31
C LEU A 76 12.20 -9.99 -1.07
N LYS A 77 13.42 -10.46 -1.25
CA LYS A 77 13.73 -11.87 -1.00
C LYS A 77 13.95 -12.16 0.50
N HIS A 78 14.12 -11.15 1.33
CA HIS A 78 14.44 -11.32 2.74
C HIS A 78 13.84 -10.21 3.59
N THR A 79 12.51 -10.12 3.50
CA THR A 79 11.79 -9.06 4.24
C THR A 79 11.71 -9.37 5.73
N ALA A 80 11.53 -8.30 6.50
CA ALA A 80 11.23 -8.41 7.93
C ALA A 80 9.77 -8.81 8.11
N ARG A 81 9.46 -9.53 9.18
CA ARG A 81 8.11 -9.84 9.51
C ARG A 81 7.51 -8.68 10.28
N LEU A 82 6.40 -8.12 9.82
CA LEU A 82 5.82 -6.99 10.47
C LEU A 82 5.52 -7.31 11.93
N SER A 83 5.82 -6.36 12.79
CA SER A 83 5.62 -6.45 14.27
C SER A 83 4.87 -5.22 14.74
N LYS A 84 4.22 -5.35 15.91
CA LYS A 84 3.69 -4.15 16.58
C LYS A 84 4.78 -3.15 16.96
N ASP A 85 6.03 -3.60 17.09
CA ASP A 85 7.17 -2.69 17.30
C ASP A 85 7.32 -1.68 16.15
N ASP A 86 6.91 -2.09 14.95
CA ASP A 86 6.96 -1.19 13.77
C ASP A 86 5.95 -0.07 13.77
N ALA A 87 5.12 -0.02 14.84
CA ALA A 87 4.16 1.06 15.00
C ALA A 87 4.81 2.37 15.34
N HIS A 88 6.07 2.34 15.78
CA HIS A 88 6.78 3.54 16.17
C HIS A 88 8.17 3.54 15.55
N GLY A 89 8.72 4.74 15.40
CA GLY A 89 10.06 4.93 14.85
C GLY A 89 10.12 5.30 13.37
N PHE A 90 8.98 5.44 12.72
CA PHE A 90 8.91 5.75 11.28
C PHE A 90 8.09 6.99 11.03
N ASP A 91 8.49 7.79 10.06
CA ASP A 91 7.81 9.00 9.65
C ASP A 91 6.67 8.75 8.71
N ALA A 92 6.72 7.63 7.98
CA ALA A 92 5.71 7.27 6.98
C ALA A 92 5.59 5.75 6.87
N ILE A 93 4.40 5.28 6.50
CA ILE A 93 4.21 3.86 6.11
C ILE A 93 3.66 3.92 4.71
N PHE A 94 4.13 2.95 3.89
CA PHE A 94 3.74 2.82 2.49
C PHE A 94 3.29 1.39 2.20
N LEU A 95 2.09 1.26 1.67
CA LEU A 95 1.48 -0.04 1.33
C LEU A 95 1.32 -0.23 -0.14
N PRO A 96 2.26 -0.92 -0.79
CA PRO A 96 2.04 -1.32 -2.16
C PRO A 96 0.87 -2.30 -2.23
N GLY A 97 0.44 -2.53 -3.48
CA GLY A 97 -0.68 -3.43 -3.79
C GLY A 97 -0.35 -4.79 -4.36
N GLY A 98 -1.17 -5.19 -5.32
CA GLY A 98 -1.33 -6.55 -5.75
C GLY A 98 -2.61 -7.10 -5.13
N HIS A 99 -3.26 -8.04 -5.82
CA HIS A 99 -4.47 -8.66 -5.26
C HIS A 99 -4.21 -9.46 -4.00
N GLY A 100 -2.97 -9.89 -3.76
CA GLY A 100 -2.66 -10.61 -2.52
C GLY A 100 -3.08 -9.83 -1.31
N THR A 101 -2.94 -8.50 -1.34
CA THR A 101 -3.29 -7.70 -0.19
C THR A 101 -4.73 -7.85 0.25
N MET A 102 -5.65 -8.08 -0.68
CA MET A 102 -7.06 -8.19 -0.36
C MET A 102 -7.31 -9.35 0.57
N PHE A 103 -6.40 -10.31 0.59
CA PHE A 103 -6.54 -11.50 1.43
C PHE A 103 -5.71 -11.53 2.71
N ASP A 104 -4.63 -10.78 2.80
CA ASP A 104 -3.83 -10.80 4.02
C ASP A 104 -3.65 -9.41 4.68
N PHE A 105 -4.15 -8.32 4.10
CA PHE A 105 -4.10 -7.03 4.79
C PHE A 105 -5.33 -6.66 5.62
N PRO A 106 -6.57 -6.77 5.11
CA PRO A 106 -7.68 -6.13 5.81
C PRO A 106 -7.93 -6.61 7.22
N ASP A 107 -7.73 -7.91 7.48
CA ASP A 107 -8.04 -8.50 8.77
C ASP A 107 -6.80 -8.80 9.60
N ASN A 108 -5.65 -8.28 9.19
CA ASN A 108 -4.42 -8.55 9.95
C ASN A 108 -4.34 -7.61 11.15
N GLU A 109 -4.40 -8.20 12.34
CA GLU A 109 -4.42 -7.36 13.52
C GLU A 109 -3.16 -6.54 13.75
N THR A 110 -2.02 -7.08 13.39
CA THR A 110 -0.74 -6.34 13.50
C THR A 110 -0.79 -5.11 12.61
N LEU A 111 -1.17 -5.26 11.36
CA LEU A 111 -1.22 -4.11 10.47
C LEU A 111 -2.26 -3.09 10.94
N GLN A 112 -3.41 -3.57 11.44
CA GLN A 112 -4.43 -2.63 11.95
C GLN A 112 -3.87 -1.81 13.10
N TYR A 113 -3.14 -2.48 13.99
CA TYR A 113 -2.54 -1.82 15.12
C TYR A 113 -1.49 -0.79 14.71
N VAL A 114 -0.61 -1.16 13.77
CA VAL A 114 0.36 -0.25 13.20
C VAL A 114 -0.30 0.94 12.55
N LEU A 115 -1.30 0.78 11.70
CA LEU A 115 -1.92 1.88 11.00
C LEU A 115 -2.61 2.78 12.04
N GLN A 116 -3.23 2.20 13.05
CA GLN A 116 -3.84 3.03 14.10
C GLN A 116 -2.83 3.95 14.75
N GLN A 117 -1.66 3.42 15.09
CA GLN A 117 -0.68 4.27 15.72
C GLN A 117 -0.15 5.35 14.80
N PHE A 118 0.14 5.00 13.54
CA PHE A 118 0.53 6.03 12.58
C PHE A 118 -0.50 7.14 12.50
N ALA A 119 -1.77 6.78 12.45
CA ALA A 119 -2.88 7.75 12.35
C ALA A 119 -2.94 8.61 13.63
N GLU A 120 -2.91 7.92 14.75
CA GLU A 120 -2.95 8.62 16.05
C GLU A 120 -1.82 9.59 16.19
N ASP A 121 -0.69 9.29 15.57
CA ASP A 121 0.52 10.06 15.77
C ASP A 121 0.82 11.10 14.68
N GLY A 122 -0.10 11.26 13.72
CA GLY A 122 0.02 12.30 12.72
C GLY A 122 1.07 12.01 11.66
N ARG A 123 1.39 10.75 11.50
CA ARG A 123 2.42 10.39 10.53
C ARG A 123 1.75 10.10 9.18
N ILE A 124 2.59 9.96 8.17
CA ILE A 124 2.08 9.83 6.82
C ILE A 124 1.71 8.35 6.56
N ILE A 125 0.50 8.14 6.04
CA ILE A 125 0.05 6.82 5.64
C ILE A 125 -0.22 6.88 4.15
N ALA A 126 0.47 6.01 3.38
CA ALA A 126 0.33 6.00 1.92
C ALA A 126 0.03 4.60 1.43
N ALA A 127 -0.73 4.49 0.36
CA ALA A 127 -1.05 3.16 -0.18
C ALA A 127 -1.40 3.31 -1.63
N VAL A 128 -1.09 2.31 -2.42
CA VAL A 128 -1.40 2.33 -3.85
C VAL A 128 -2.18 1.08 -4.31
N HIS A 130 -4.40 -1.88 -4.67
CA HIS A 130 -5.09 -2.64 -3.60
C HIS A 130 -4.53 -2.43 -2.21
N GLY A 131 -3.38 -1.73 -2.14
CA GLY A 131 -2.84 -1.42 -0.83
C GLY A 131 -3.76 -0.79 0.19
N PRO A 132 -4.71 0.08 -0.23
CA PRO A 132 -5.70 0.63 0.71
C PRO A 132 -6.56 -0.41 1.40
N SER A 133 -6.53 -1.67 0.94
CA SER A 133 -7.16 -2.78 1.68
C SER A 133 -6.74 -2.83 3.16
N GLY A 134 -5.50 -2.41 3.43
CA GLY A 134 -4.99 -2.39 4.81
C GLY A 134 -5.77 -1.41 5.67
N LEU A 135 -6.41 -0.43 5.02
CA LEU A 135 -7.16 0.62 5.75
C LEU A 135 -8.61 0.26 6.04
N VAL A 136 -9.14 -0.80 5.42
CA VAL A 136 -10.61 -0.98 5.42
C VAL A 136 -11.18 -1.14 6.84
N ASN A 137 -10.45 -1.85 7.70
CA ASN A 137 -10.87 -2.12 9.09
C ASN A 137 -9.90 -1.52 10.12
N ALA A 138 -9.14 -0.49 9.72
CA ALA A 138 -8.22 0.23 10.60
C ALA A 138 -8.90 1.50 11.15
N THR A 139 -8.62 1.81 12.41
CA THR A 139 -9.36 2.86 13.12
C THR A 139 -8.44 3.60 14.04
N TYR A 140 -8.88 4.79 14.44
CA TYR A 140 -8.27 5.50 15.57
C TYR A 140 -8.62 4.72 16.83
N LYS A 141 -7.97 5.05 17.94
CA LYS A 141 -8.23 4.37 19.22
C LYS A 141 -9.70 4.38 19.61
N ASP A 142 -10.37 5.47 19.27
CA ASP A 142 -11.79 5.63 19.61
C ASP A 142 -12.77 4.90 18.67
N GLY A 143 -12.24 4.18 17.67
CA GLY A 143 -13.05 3.34 16.78
C GLY A 143 -13.44 3.97 15.45
N THR A 144 -13.14 5.25 15.29
CA THR A 144 -13.45 5.98 14.05
C THR A 144 -12.58 5.42 12.91
N PRO A 145 -13.18 5.04 11.78
CA PRO A 145 -12.35 4.59 10.66
C PRO A 145 -11.35 5.66 10.24
N ILE A 146 -10.10 5.25 10.03
CA ILE A 146 -9.07 6.18 9.56
C ILE A 146 -9.50 6.93 8.28
N VAL A 147 -10.19 6.25 7.36
CA VAL A 147 -10.63 6.89 6.09
C VAL A 147 -11.92 7.72 6.16
N LYS A 148 -12.58 7.73 7.31
CA LYS A 148 -13.84 8.47 7.41
C LYS A 148 -13.66 9.96 7.16
N GLY A 149 -14.40 10.49 6.18
CA GLY A 149 -14.35 11.91 5.83
C GLY A 149 -13.12 12.33 5.04
N LYS A 150 -12.32 11.35 4.65
CA LYS A 150 -11.08 11.62 3.93
C LYS A 150 -11.22 11.36 2.43
N THR A 151 -10.52 12.15 1.62
CA THR A 151 -10.48 11.98 0.18
C THR A 151 -9.45 10.88 -0.12
N VAL A 152 -9.89 9.83 -0.80
CA VAL A 152 -9.01 8.70 -1.12
C VAL A 152 -9.31 8.15 -2.49
N THR A 153 -8.33 7.42 -2.99
CA THR A 153 -8.51 6.60 -4.17
C THR A 153 -7.99 5.20 -3.93
N SER A 154 -8.27 4.32 -4.88
CA SER A 154 -7.79 2.94 -4.86
C SER A 154 -8.06 2.36 -6.21
N PHE A 155 -7.71 1.09 -6.38
CA PHE A 155 -8.14 0.32 -7.53
C PHE A 155 -9.66 0.39 -7.55
N THR A 156 -10.19 0.73 -8.70
CA THR A 156 -11.62 0.98 -8.77
C THR A 156 -12.39 -0.27 -9.04
N ASP A 157 -13.68 -0.21 -8.71
CA ASP A 157 -14.57 -1.34 -8.99
C ASP A 157 -14.63 -1.61 -10.48
N GLU A 158 -14.61 -0.54 -11.30
CA GLU A 158 -14.52 -0.69 -12.76
C GLU A 158 -13.28 -1.41 -13.23
N GLU A 159 -12.13 -1.05 -12.68
CA GLU A 159 -10.89 -1.74 -12.99
C GLU A 159 -10.96 -3.19 -12.54
N GLU A 160 -11.60 -3.44 -11.40
CA GLU A 160 -11.74 -4.81 -10.88
C GLU A 160 -12.64 -5.67 -11.74
N ARG A 161 -13.74 -5.09 -12.22
CA ARG A 161 -14.64 -5.81 -13.13
C ARG A 161 -13.94 -6.08 -14.46
N GLU A 162 -13.14 -5.14 -14.94
CA GLU A 162 -12.44 -5.33 -16.21
C GLU A 162 -11.48 -6.49 -16.14
N VAL A 163 -10.72 -6.58 -15.04
CA VAL A 163 -9.74 -7.67 -14.91
C VAL A 163 -10.46 -9.00 -14.71
N GLY A 164 -11.70 -8.97 -14.23
CA GLY A 164 -12.50 -10.18 -14.03
C GLY A 164 -12.46 -10.84 -12.65
N LEU A 165 -11.80 -10.19 -11.68
CA LEU A 165 -11.56 -10.83 -10.37
C LEU A 165 -12.46 -10.30 -9.29
N ASP A 166 -13.30 -9.31 -9.60
CA ASP A 166 -14.34 -8.89 -8.67
C ASP A 166 -15.12 -10.04 -8.01
N VAL A 167 -15.54 -11.05 -8.78
CA VAL A 167 -16.28 -12.18 -8.25
C VAL A 167 -15.49 -13.02 -7.24
N HIS A 168 -14.15 -12.95 -7.28
CA HIS A 168 -13.33 -13.71 -6.32
C HIS A 168 -12.76 -12.87 -5.19
N MET A 169 -13.14 -11.60 -5.09
CA MET A 169 -12.73 -10.77 -3.98
C MET A 169 -13.70 -10.94 -2.83
N PRO A 170 -13.14 -10.94 -1.62
CA PRO A 170 -13.93 -11.03 -0.40
C PRO A 170 -14.83 -9.84 -0.19
N PHE A 171 -14.43 -8.72 -0.79
CA PHE A 171 -15.21 -7.47 -0.83
C PHE A 171 -14.62 -6.63 -1.95
N LEU A 172 -15.34 -5.61 -2.39
CA LEU A 172 -14.78 -4.69 -3.38
C LEU A 172 -14.18 -3.48 -2.65
N LEU A 173 -12.96 -3.15 -2.99
CA LEU A 173 -12.19 -2.16 -2.24
C LEU A 173 -12.76 -0.72 -2.30
N GLU A 174 -13.02 -0.23 -3.49
CA GLU A 174 -13.60 1.13 -3.62
C GLU A 174 -14.94 1.21 -2.87
N SER A 175 -15.79 0.21 -3.12
CA SER A 175 -17.09 0.16 -2.49
C SER A 175 -16.99 0.16 -0.99
N THR A 176 -16.04 -0.62 -0.50
CA THR A 176 -15.88 -0.77 0.93
C THR A 176 -15.32 0.49 1.58
N LEU A 177 -14.34 1.12 0.91
CA LEU A 177 -13.82 2.38 1.41
C LEU A 177 -14.89 3.46 1.50
N ARG A 178 -15.74 3.54 0.49
CA ARG A 178 -16.87 4.46 0.56
C ARG A 178 -17.86 4.11 1.69
N LEU A 179 -18.15 2.83 1.84
CA LEU A 179 -19.01 2.34 2.90
C LEU A 179 -18.44 2.69 4.28
N ARG A 180 -17.11 2.66 4.41
CA ARG A 180 -16.44 3.04 5.67
C ARG A 180 -16.39 4.57 5.89
N GLY A 181 -16.88 5.36 4.93
CA GLY A 181 -17.02 6.81 5.11
C GLY A 181 -16.05 7.66 4.31
N ALA A 182 -15.25 7.04 3.44
CA ALA A 182 -14.34 7.79 2.58
C ALA A 182 -15.08 8.51 1.46
N ASN A 183 -14.52 9.66 1.08
CA ASN A 183 -14.95 10.39 -0.11
C ASN A 183 -14.03 9.95 -1.23
N PHE A 184 -14.54 9.07 -2.06
CA PHE A 184 -13.75 8.39 -3.05
C PHE A 184 -13.66 9.24 -4.31
N VAL A 185 -12.48 9.21 -4.91
CA VAL A 185 -12.22 9.94 -6.13
C VAL A 185 -11.25 9.10 -6.96
N ARG A 186 -11.29 9.33 -8.27
CA ARG A 186 -10.47 8.57 -9.17
C ARG A 186 -10.24 9.30 -10.47
N GLY A 187 -9.39 8.73 -11.30
CA GLY A 187 -9.13 9.20 -12.63
C GLY A 187 -9.48 8.07 -13.60
N GLY A 188 -9.16 8.29 -14.86
CA GLY A 188 -9.41 7.26 -15.86
C GLY A 188 -8.82 5.94 -15.47
N LYS A 189 -9.50 4.84 -15.82
CA LYS A 189 -8.93 3.52 -15.55
C LYS A 189 -7.49 3.51 -16.10
N TRP A 190 -6.59 2.89 -15.36
CA TRP A 190 -5.20 2.72 -15.78
C TRP A 190 -4.40 3.97 -16.08
N THR A 191 -4.84 5.12 -15.56
CA THR A 191 -4.05 6.34 -15.63
C THR A 191 -3.47 6.72 -14.27
N ASP A 192 -2.41 7.51 -14.29
CA ASP A 192 -1.76 7.97 -13.09
C ASP A 192 -2.70 8.93 -12.40
N PHE A 193 -3.16 8.51 -11.25
CA PHE A 193 -3.98 9.30 -10.39
C PHE A 193 -3.64 9.03 -8.94
N SER A 194 -3.23 10.06 -8.22
CA SER A 194 -3.05 9.94 -6.79
C SER A 194 -3.52 11.17 -6.06
N VAL A 195 -3.80 11.00 -4.77
CA VAL A 195 -4.39 12.07 -3.99
C VAL A 195 -3.76 12.19 -2.65
N ARG A 196 -3.61 13.43 -2.19
CA ARG A 196 -3.25 13.74 -0.83
C ARG A 196 -4.40 14.44 -0.11
N ASP A 197 -4.76 13.89 1.04
CA ASP A 197 -5.69 14.54 1.94
C ASP A 197 -4.96 14.62 3.26
N GLY A 198 -4.27 15.72 3.50
CA GLY A 198 -3.50 15.85 4.73
C GLY A 198 -2.42 14.82 4.76
N ASN A 199 -2.46 13.99 5.78
CA ASN A 199 -1.52 12.90 6.05
C ASN A 199 -1.79 11.58 5.33
N LEU A 200 -2.90 11.47 4.62
CA LEU A 200 -3.29 10.23 3.97
C LEU A 200 -3.14 10.41 2.47
N ILE A 201 -2.30 9.57 1.88
CA ILE A 201 -1.97 9.68 0.47
C ILE A 201 -2.28 8.34 -0.20
N THR A 202 -2.98 8.34 -1.31
CA THR A 202 -3.37 7.12 -1.98
C THR A 202 -3.22 7.27 -3.46
N GLY A 203 -3.02 6.13 -4.12
CA GLY A 203 -2.84 6.06 -5.57
C GLY A 203 -3.73 4.96 -6.13
N GLN A 204 -4.15 5.10 -7.37
CA GLN A 204 -5.20 4.25 -7.95
C GLN A 204 -4.73 2.91 -8.53
N ASN A 205 -3.56 2.88 -9.12
CA ASN A 205 -3.15 1.74 -9.91
C ASN A 205 -1.63 1.72 -10.12
N PRO A 206 -1.09 0.74 -10.83
CA PRO A 206 0.37 0.65 -10.95
C PRO A 206 0.98 1.89 -11.52
N GLN A 207 0.26 2.51 -12.44
CA GLN A 207 0.68 3.72 -13.09
C GLN A 207 0.75 4.95 -12.16
N SER A 208 0.18 4.81 -10.96
CA SER A 208 0.21 5.86 -9.94
C SER A 208 1.34 5.70 -8.91
N SER A 209 2.20 4.69 -9.05
CA SER A 209 3.20 4.37 -8.02
C SER A 209 4.15 5.52 -7.79
N ARG A 210 4.69 6.10 -8.85
CA ARG A 210 5.60 7.17 -8.72
C ARG A 210 5.03 8.44 -8.07
N SER A 211 3.84 8.84 -8.52
CA SER A 211 3.22 10.06 -8.03
C SER A 211 2.84 9.92 -6.58
N THR A 212 2.45 8.72 -6.18
CA THR A 212 2.11 8.46 -4.78
C THR A 212 3.36 8.64 -3.96
N ALA A 213 4.44 8.03 -4.38
CA ALA A 213 5.71 8.17 -3.66
C ALA A 213 6.16 9.63 -3.59
N GLU A 214 5.96 10.39 -4.65
CA GLU A 214 6.40 11.78 -4.65
C GLU A 214 5.57 12.64 -3.71
N LYS A 215 4.31 12.30 -3.52
CA LYS A 215 3.52 12.96 -2.48
C LYS A 215 4.04 12.69 -1.07
N VAL A 216 4.49 11.45 -0.84
CA VAL A 216 5.11 11.10 0.45
C VAL A 216 6.34 11.93 0.66
N VAL A 217 7.18 12.02 -0.35
CA VAL A 217 8.41 12.82 -0.26
C VAL A 217 8.08 14.28 0.08
N ALA A 218 7.08 14.84 -0.60
CA ALA A 218 6.70 16.23 -0.33
C ALA A 218 6.24 16.42 1.10
N ALA A 219 5.37 15.50 1.58
CA ALA A 219 4.93 15.58 2.97
C ALA A 219 6.10 15.44 3.97
N LEU A 220 7.07 14.57 3.70
CA LEU A 220 8.23 14.44 4.58
C LEU A 220 9.13 15.68 4.53
N GLU A 221 9.27 16.27 3.35
CA GLU A 221 10.07 17.49 3.19
C GLU A 221 9.53 18.63 4.07
N GLU A 222 8.19 18.71 4.22
CA GLU A 222 7.54 19.69 5.06
C GLU A 222 7.90 19.59 6.53
N ARG A 223 8.31 18.39 6.93
CA ARG A 223 8.51 18.05 8.34
C ARG A 223 9.98 17.93 8.68
N GLU A 224 10.83 18.44 7.82
CA GLU A 224 12.23 18.63 8.17
C GLU A 224 12.25 19.68 9.25
#